data_7G9X
#
_entry.id   7G9X
#
_cell.length_a   53.253
_cell.length_b   69.863
_cell.length_c   57.336
_cell.angle_alpha   90.000
_cell.angle_beta   91.630
_cell.angle_gamma   90.000
#
_symmetry.space_group_name_H-M   'P 1 21 1'
#
loop_
_entity.id
_entity.type
_entity.pdbx_description
1 polymer 'Serine protease NS3'
2 non-polymer 1,2-ETHANEDIOL
3 non-polymer 'PHOSPHATE ION'
4 non-polymer (4S)-2-METHYL-2,4-PENTANEDIOL
5 non-polymer (5R)-1,3,7-triazaspiro[4.5]decane-2,4-dione
6 water water
#
_entity_poly.entity_id   1
_entity_poly.type   'polypeptide(L)'
_entity_poly.pdbx_seq_one_letter_code
;MLKKKQLTVLDLHPGAGKTRRVLPEIVREAIKKRLRTVILAPTRVVAAEMEEALRGLPVRYMTTAVNVTHSGTEIVDLMC
HATFTSRLLQPIRVPNYNLNIMDEAHFTDPSSIAARGYISTRVEMGEAAAIFMTATPPGTRDAFPDSNSPIMDTEVEVPE
RAWSSGFDWVTDHSGKTVWFVPSVRNGNEIAACLTKAGKRVIQLSRKTFETEFQKTKNQEWDFVITTDISEMGANFKADR
VIDSRRCLKPVILDGERVILAGPMPVTHASAAQRRGRIGRNPNKPGDEYMYGGGCAETDEGHAHWLEARMLLDNIYLQDG
LIASLYRPEADKVAAIEGEFKLRTEQRKTFVELMKRGDLPVWLAYQVASAGITYTDRRWCFDGTTNNTIMEDSVPAEVWT
KYGEKRVLKPRWMDARVCSDHAALKSFKEFAAGKR
;
_entity_poly.pdbx_strand_id   A
#
# COMPACT_ATOMS: atom_id res chain seq x y z
N MET A 1 6.19 -6.50 26.31
CA MET A 1 5.53 -5.64 25.32
C MET A 1 4.01 -5.61 25.49
N LEU A 2 3.43 -6.69 26.07
CA LEU A 2 1.98 -6.86 26.18
C LEU A 2 1.31 -6.04 27.30
N LYS A 3 2.09 -5.23 28.05
CA LYS A 3 1.55 -4.36 29.10
C LYS A 3 0.77 -3.26 28.43
N LYS A 4 -0.44 -2.96 28.90
CA LYS A 4 -1.25 -1.85 28.36
C LYS A 4 -0.45 -0.51 28.38
N LYS A 5 -0.93 0.53 27.69
CA LYS A 5 -0.25 1.83 27.63
C LYS A 5 1.17 1.75 27.02
N GLN A 6 1.51 0.63 26.35
CA GLN A 6 2.83 0.47 25.75
C GLN A 6 2.79 0.20 24.24
N LEU A 7 3.54 1.00 23.46
CA LEU A 7 3.67 0.80 22.02
C LEU A 7 5.12 0.44 21.76
N THR A 8 5.36 -0.80 21.30
CA THR A 8 6.70 -1.28 21.03
C THR A 8 6.98 -1.34 19.53
N VAL A 9 8.10 -0.75 19.09
CA VAL A 9 8.50 -0.89 17.70
C VAL A 9 9.50 -2.07 17.65
N LEU A 10 9.19 -3.10 16.87
CA LEU A 10 10.02 -4.28 16.67
C LEU A 10 10.78 -4.04 15.36
N ASP A 11 11.98 -3.48 15.48
CA ASP A 11 12.75 -3.08 14.31
C ASP A 11 13.89 -4.01 13.93
N LEU A 12 13.73 -5.33 14.10
CA LEU A 12 14.75 -6.29 13.65
C LEU A 12 14.97 -6.14 12.11
N HIS A 13 16.21 -6.33 11.63
CA HIS A 13 16.57 -6.18 10.22
C HIS A 13 15.71 -7.09 9.29
N PRO A 14 15.58 -6.78 7.98
CA PRO A 14 14.77 -7.66 7.11
C PRO A 14 15.26 -9.10 7.06
N GLY A 15 14.32 -10.02 7.26
CA GLY A 15 14.61 -11.44 7.26
C GLY A 15 15.10 -11.99 8.58
N ALA A 16 15.06 -11.17 9.66
CA ALA A 16 15.48 -11.65 10.99
C ALA A 16 14.48 -12.63 11.64
N GLY A 17 13.29 -12.78 11.06
CA GLY A 17 12.29 -13.70 11.57
C GLY A 17 11.14 -13.09 12.35
N LYS A 18 10.84 -11.79 12.10
CA LYS A 18 9.73 -11.14 12.82
C LYS A 18 8.39 -11.89 12.63
N THR A 19 8.06 -12.24 11.39
CA THR A 19 6.82 -12.93 11.07
C THR A 19 6.75 -14.41 11.47
N ARG A 20 7.80 -15.19 11.15
CA ARG A 20 7.78 -16.62 11.40
C ARG A 20 8.27 -17.06 12.77
N ARG A 21 9.03 -16.22 13.49
CA ARG A 21 9.56 -16.63 14.79
C ARG A 21 9.02 -15.80 15.95
N VAL A 22 9.05 -14.47 15.82
CA VAL A 22 8.59 -13.59 16.89
C VAL A 22 7.07 -13.55 17.01
N LEU A 23 6.35 -13.32 15.90
CA LEU A 23 4.88 -13.27 15.90
C LEU A 23 4.17 -14.50 16.55
N PRO A 24 4.53 -15.78 16.27
CA PRO A 24 3.83 -16.91 16.94
C PRO A 24 4.02 -16.89 18.46
N GLU A 25 5.22 -16.49 18.89
CA GLU A 25 5.55 -16.41 20.31
C GLU A 25 4.71 -15.30 21.00
N ILE A 26 4.56 -14.13 20.35
CA ILE A 26 3.71 -13.05 20.89
C ILE A 26 2.26 -13.53 21.01
N VAL A 27 1.73 -14.18 19.95
CA VAL A 27 0.39 -14.76 19.93
C VAL A 27 0.12 -15.72 21.11
N ARG A 28 1.08 -16.58 21.40
CA ARG A 28 0.98 -17.53 22.50
C ARG A 28 0.85 -16.80 23.84
N GLU A 29 1.70 -15.81 24.09
CA GLU A 29 1.66 -15.05 25.32
C GLU A 29 0.34 -14.27 25.43
N ALA A 30 -0.19 -13.77 24.30
CA ALA A 30 -1.44 -13.02 24.31
C ALA A 30 -2.63 -13.94 24.66
N ILE A 31 -2.61 -15.16 24.13
CA ILE A 31 -3.66 -16.15 24.38
C ILE A 31 -3.58 -16.59 25.86
N LYS A 32 -2.37 -16.81 26.40
CA LYS A 32 -2.15 -17.16 27.82
C LYS A 32 -2.75 -16.09 28.77
N LYS A 33 -2.52 -14.79 28.46
CA LYS A 33 -2.99 -13.63 29.23
C LYS A 33 -4.39 -13.11 28.90
N ARG A 34 -5.11 -13.85 28.05
CA ARG A 34 -6.48 -13.56 27.58
C ARG A 34 -6.62 -12.15 27.06
N LEU A 35 -5.70 -11.79 26.19
CA LEU A 35 -5.75 -10.48 25.53
C LEU A 35 -6.51 -10.65 24.23
N ARG A 36 -7.58 -9.87 24.01
CA ARG A 36 -8.29 -9.88 22.74
C ARG A 36 -7.34 -9.20 21.74
N THR A 37 -6.87 -9.94 20.75
CA THR A 37 -5.80 -9.47 19.86
C THR A 37 -6.18 -9.32 18.38
N VAL A 38 -5.55 -8.34 17.71
CA VAL A 38 -5.72 -8.18 16.27
C VAL A 38 -4.34 -8.26 15.63
N ILE A 39 -4.25 -8.98 14.52
CA ILE A 39 -3.05 -9.09 13.74
C ILE A 39 -3.38 -8.46 12.39
N LEU A 40 -2.64 -7.43 11.98
CA LEU A 40 -2.90 -6.72 10.75
C LEU A 40 -1.84 -6.98 9.69
N ALA A 41 -2.23 -7.63 8.59
CA ALA A 41 -1.36 -8.00 7.46
C ALA A 41 -1.50 -6.96 6.34
N PRO A 42 -0.41 -6.47 5.73
CA PRO A 42 -0.55 -5.44 4.68
C PRO A 42 -1.31 -5.93 3.45
N THR A 43 -1.08 -7.18 3.03
CA THR A 43 -1.71 -7.76 1.84
C THR A 43 -2.28 -9.18 2.10
N ARG A 44 -3.10 -9.70 1.16
CA ARG A 44 -3.64 -11.04 1.27
CA ARG A 44 -3.63 -11.04 1.29
C ARG A 44 -2.52 -12.10 1.21
N VAL A 45 -1.39 -11.77 0.55
CA VAL A 45 -0.21 -12.62 0.38
C VAL A 45 0.53 -12.78 1.71
N VAL A 46 0.63 -11.69 2.51
CA VAL A 46 1.29 -11.78 3.81
C VAL A 46 0.36 -12.54 4.80
N ALA A 47 -0.97 -12.32 4.72
CA ALA A 47 -1.95 -13.03 5.54
C ALA A 47 -1.83 -14.56 5.38
N ALA A 48 -1.60 -15.02 4.15
CA ALA A 48 -1.44 -16.45 3.85
C ALA A 48 -0.11 -16.96 4.44
N GLU A 49 0.98 -16.17 4.37
CA GLU A 49 2.29 -16.52 4.96
C GLU A 49 2.23 -16.57 6.50
N MET A 50 1.35 -15.76 7.09
CA MET A 50 1.12 -15.70 8.53
C MET A 50 0.35 -16.92 8.98
N GLU A 51 -0.67 -17.37 8.21
CA GLU A 51 -1.40 -18.58 8.58
C GLU A 51 -0.44 -19.80 8.64
N GLU A 52 0.60 -19.81 7.79
CA GLU A 52 1.56 -20.91 7.79
C GLU A 52 2.41 -20.89 9.07
N ALA A 53 2.85 -19.70 9.48
CA ALA A 53 3.63 -19.51 10.70
C ALA A 53 2.80 -19.72 11.97
N LEU A 54 1.49 -19.42 11.91
CA LEU A 54 0.58 -19.54 13.05
C LEU A 54 -0.27 -20.81 13.04
N ARG A 55 0.04 -21.78 12.16
CA ARG A 55 -0.77 -22.99 12.07
C ARG A 55 -0.81 -23.81 13.37
N GLY A 56 -2.03 -24.11 13.82
CA GLY A 56 -2.25 -24.83 15.07
C GLY A 56 -2.65 -23.94 16.25
N LEU A 57 -2.52 -22.63 16.09
CA LEU A 57 -2.88 -21.65 17.11
C LEU A 57 -4.30 -21.20 16.77
N PRO A 58 -5.12 -20.95 17.80
CA PRO A 58 -6.50 -20.51 17.52
C PRO A 58 -6.60 -19.04 17.07
N VAL A 59 -6.53 -18.83 15.75
CA VAL A 59 -6.67 -17.51 15.18
C VAL A 59 -7.85 -17.52 14.21
N ARG A 60 -8.65 -16.44 14.22
CA ARG A 60 -9.78 -16.28 13.33
C ARG A 60 -9.33 -15.39 12.15
N TYR A 61 -9.28 -15.99 10.96
CA TYR A 61 -8.85 -15.35 9.73
C TYR A 61 -10.00 -14.63 9.03
N MET A 62 -10.10 -13.32 9.24
CA MET A 62 -11.13 -12.53 8.59
C MET A 62 -10.61 -12.05 7.22
N THR A 63 -10.28 -13.03 6.36
CA THR A 63 -9.79 -12.77 5.00
C THR A 63 -10.18 -13.92 4.07
N THR A 64 -10.46 -13.64 2.79
CA THR A 64 -10.80 -14.72 1.85
C THR A 64 -9.53 -15.38 1.23
N ALA A 65 -8.32 -14.94 1.65
CA ALA A 65 -7.03 -15.47 1.23
C ALA A 65 -6.68 -16.83 1.87
N VAL A 66 -7.40 -17.19 2.95
CA VAL A 66 -7.19 -18.42 3.70
C VAL A 66 -8.51 -19.20 3.77
N ASN A 67 -8.45 -20.53 3.54
CA ASN A 67 -9.65 -21.36 3.55
C ASN A 67 -9.72 -22.21 4.83
N VAL A 68 -9.88 -21.58 6.01
CA VAL A 68 -9.97 -22.35 7.26
C VAL A 68 -11.36 -22.30 7.91
N THR A 69 -11.72 -23.44 8.55
CA THR A 69 -12.98 -23.67 9.26
C THR A 69 -12.86 -23.07 10.70
N HIS A 70 -13.41 -21.87 10.94
CA HIS A 70 -13.31 -21.25 12.26
C HIS A 70 -14.30 -21.81 13.30
N SER A 71 -13.75 -22.44 14.34
CA SER A 71 -14.43 -23.10 15.45
C SER A 71 -15.24 -22.20 16.38
N GLY A 72 -14.85 -20.94 16.52
CA GLY A 72 -15.52 -20.03 17.44
C GLY A 72 -14.80 -19.85 18.78
N THR A 73 -13.72 -20.61 19.01
CA THR A 73 -12.89 -20.57 20.22
C THR A 73 -11.74 -19.50 20.11
N GLU A 74 -11.75 -18.65 19.09
CA GLU A 74 -10.64 -17.70 18.86
C GLU A 74 -10.81 -16.36 19.54
N ILE A 75 -9.76 -15.91 20.25
CA ILE A 75 -9.73 -14.56 20.82
C ILE A 75 -8.68 -13.67 20.06
N VAL A 76 -8.03 -14.21 19.01
CA VAL A 76 -7.09 -13.51 18.15
C VAL A 76 -7.72 -13.41 16.72
N ASP A 77 -7.77 -12.21 16.15
CA ASP A 77 -8.32 -11.96 14.84
C ASP A 77 -7.22 -11.53 13.87
N LEU A 78 -7.25 -12.01 12.65
CA LEU A 78 -6.29 -11.63 11.66
C LEU A 78 -7.01 -11.05 10.46
N MET A 79 -6.63 -9.84 10.07
CA MET A 79 -7.22 -9.19 8.91
C MET A 79 -6.18 -8.24 8.27
N CYS A 80 -6.43 -7.81 7.02
CA CYS A 80 -5.55 -6.88 6.31
C CYS A 80 -5.64 -5.43 6.90
N HIS A 81 -4.59 -4.59 6.71
CA HIS A 81 -4.58 -3.19 7.19
C HIS A 81 -5.84 -2.42 6.72
N ALA A 82 -6.20 -2.52 5.42
CA ALA A 82 -7.37 -1.89 4.78
C ALA A 82 -8.72 -2.40 5.35
N THR A 83 -8.82 -3.72 5.65
CA THR A 83 -10.05 -4.29 6.23
C THR A 83 -10.31 -3.68 7.61
N PHE A 84 -9.26 -3.54 8.46
CA PHE A 84 -9.39 -2.96 9.78
C PHE A 84 -9.92 -1.52 9.69
N THR A 85 -9.32 -0.69 8.81
CA THR A 85 -9.73 0.70 8.63
C THR A 85 -11.15 0.81 8.08
N SER A 86 -11.50 -0.08 7.14
CA SER A 86 -12.82 -0.12 6.52
C SER A 86 -13.89 -0.43 7.60
N ARG A 87 -13.60 -1.44 8.44
CA ARG A 87 -14.58 -1.82 9.46
C ARG A 87 -14.76 -0.70 10.51
N LEU A 88 -13.70 0.11 10.76
CA LEU A 88 -13.75 1.25 11.68
C LEU A 88 -14.69 2.31 11.08
N LEU A 89 -14.55 2.57 9.76
CA LEU A 89 -15.37 3.54 9.01
C LEU A 89 -16.86 3.11 8.89
N GLN A 90 -17.12 1.84 8.58
CA GLN A 90 -18.48 1.29 8.43
C GLN A 90 -19.21 1.16 9.77
N PRO A 91 -20.58 1.11 9.81
CA PRO A 91 -21.28 0.94 11.10
C PRO A 91 -21.29 -0.50 11.63
N ILE A 92 -20.14 -1.16 11.59
CA ILE A 92 -19.89 -2.48 12.17
C ILE A 92 -19.07 -2.17 13.45
N ARG A 93 -19.48 -2.74 14.58
CA ARG A 93 -18.78 -2.50 15.83
C ARG A 93 -17.49 -3.34 15.86
N VAL A 94 -16.34 -2.66 15.88
CA VAL A 94 -15.06 -3.36 15.93
C VAL A 94 -14.70 -3.53 17.41
N PRO A 95 -14.22 -4.71 17.85
CA PRO A 95 -13.85 -4.86 19.27
C PRO A 95 -12.72 -3.90 19.66
N ASN A 96 -12.66 -3.51 20.94
CA ASN A 96 -11.58 -2.62 21.39
C ASN A 96 -10.42 -3.50 21.87
N TYR A 97 -9.69 -4.10 20.91
CA TYR A 97 -8.55 -4.99 21.12
C TYR A 97 -7.58 -4.52 22.19
N ASN A 98 -7.29 -5.40 23.17
CA ASN A 98 -6.31 -5.07 24.23
C ASN A 98 -4.86 -5.07 23.65
N LEU A 99 -4.62 -5.83 22.57
CA LEU A 99 -3.33 -5.98 21.91
C LEU A 99 -3.50 -5.82 20.40
N ASN A 100 -2.71 -4.90 19.81
CA ASN A 100 -2.77 -4.62 18.38
C ASN A 100 -1.40 -4.87 17.70
N ILE A 101 -1.30 -5.90 16.85
CA ILE A 101 -0.05 -6.20 16.16
C ILE A 101 -0.14 -5.80 14.72
N MET A 102 0.73 -4.88 14.27
CA MET A 102 0.77 -4.51 12.85
C MET A 102 2.01 -5.08 12.19
N ASP A 103 1.86 -6.02 11.22
CA ASP A 103 3.01 -6.50 10.45
C ASP A 103 3.24 -5.57 9.25
N GLU A 104 4.54 -5.34 8.89
CA GLU A 104 5.03 -4.44 7.82
C GLU A 104 4.43 -3.07 8.09
N ALA A 105 4.64 -2.57 9.33
CA ALA A 105 4.08 -1.31 9.80
C ALA A 105 4.63 -0.06 9.08
N HIS A 106 5.53 -0.24 8.10
CA HIS A 106 6.07 0.85 7.33
C HIS A 106 5.13 1.25 6.14
N PHE A 107 4.09 0.45 5.82
CA PHE A 107 3.19 0.66 4.69
C PHE A 107 2.60 2.10 4.68
N THR A 108 2.78 2.82 3.55
CA THR A 108 2.37 4.22 3.46
C THR A 108 1.01 4.44 2.77
N ASP A 109 0.24 3.36 2.53
CA ASP A 109 -1.10 3.53 1.96
C ASP A 109 -2.00 4.22 2.99
N PRO A 110 -2.89 5.12 2.57
CA PRO A 110 -3.71 5.85 3.55
C PRO A 110 -4.38 4.99 4.64
N SER A 111 -4.88 3.82 4.29
CA SER A 111 -5.56 2.95 5.27
C SER A 111 -4.61 2.40 6.33
N SER A 112 -3.31 2.22 5.98
CA SER A 112 -2.30 1.80 6.95
C SER A 112 -1.91 2.96 7.88
N ILE A 113 -1.67 4.16 7.31
CA ILE A 113 -1.38 5.37 8.09
C ILE A 113 -2.55 5.62 9.10
N ALA A 114 -3.81 5.54 8.62
CA ALA A 114 -4.98 5.70 9.50
C ALA A 114 -5.01 4.64 10.64
N ALA A 115 -4.74 3.38 10.30
CA ALA A 115 -4.72 2.29 11.27
C ALA A 115 -3.66 2.57 12.36
N ARG A 116 -2.45 3.03 11.96
CA ARG A 116 -1.37 3.38 12.90
C ARG A 116 -1.78 4.53 13.80
N GLY A 117 -2.44 5.52 13.23
CA GLY A 117 -2.94 6.68 13.96
C GLY A 117 -3.95 6.30 15.02
N TYR A 118 -5.00 5.53 14.63
CA TYR A 118 -6.05 5.06 15.52
C TYR A 118 -5.46 4.22 16.68
N ILE A 119 -4.60 3.23 16.33
CA ILE A 119 -4.00 2.33 17.31
C ILE A 119 -3.11 3.10 18.32
N SER A 120 -2.14 3.89 17.80
CA SER A 120 -1.25 4.66 18.65
C SER A 120 -2.04 5.64 19.54
N THR A 121 -3.14 6.21 19.03
CA THR A 121 -3.98 7.07 19.88
C THR A 121 -4.59 6.26 21.05
N ARG A 122 -5.11 5.05 20.78
CA ARG A 122 -5.68 4.20 21.82
C ARG A 122 -4.61 3.84 22.87
N VAL A 123 -3.34 3.66 22.44
CA VAL A 123 -2.25 3.37 23.37
C VAL A 123 -1.94 4.61 24.23
N GLU A 124 -1.82 5.81 23.59
CA GLU A 124 -1.56 7.08 24.28
C GLU A 124 -2.62 7.33 25.36
N MET A 125 -3.88 6.99 25.05
CA MET A 125 -5.01 7.13 26.00
C MET A 125 -4.94 6.19 27.22
N GLY A 126 -4.01 5.23 27.21
CA GLY A 126 -3.86 4.22 28.25
C GLY A 126 -4.87 3.09 28.12
N GLU A 127 -5.51 2.92 26.95
CA GLU A 127 -6.52 1.89 26.74
C GLU A 127 -6.03 0.57 26.14
N ALA A 128 -4.93 0.57 25.39
CA ALA A 128 -4.48 -0.64 24.71
C ALA A 128 -2.95 -0.75 24.60
N ALA A 129 -2.43 -1.93 24.22
CA ALA A 129 -1.02 -2.12 23.93
C ALA A 129 -0.89 -2.32 22.39
N ALA A 130 0.30 -2.06 21.85
CA ALA A 130 0.53 -2.22 20.42
C ALA A 130 1.95 -2.63 20.12
N ILE A 131 2.13 -3.31 18.99
CA ILE A 131 3.42 -3.74 18.49
C ILE A 131 3.45 -3.42 16.97
N PHE A 132 4.42 -2.62 16.54
CA PHE A 132 4.58 -2.29 15.13
C PHE A 132 5.81 -3.06 14.65
N MET A 133 5.62 -3.99 13.72
CA MET A 133 6.71 -4.80 13.22
C MET A 133 7.17 -4.26 11.89
N THR A 134 8.40 -3.72 11.84
CA THR A 134 9.06 -3.23 10.62
C THR A 134 10.54 -3.00 10.84
N ALA A 135 11.34 -3.36 9.84
CA ALA A 135 12.76 -3.06 9.86
C ALA A 135 12.98 -1.55 9.67
N THR A 136 12.08 -0.85 8.95
CA THR A 136 12.18 0.56 8.63
C THR A 136 11.06 1.40 9.24
N PRO A 137 11.14 1.69 10.54
CA PRO A 137 10.11 2.53 11.17
C PRO A 137 10.05 3.94 10.59
N PRO A 138 8.93 4.67 10.73
CA PRO A 138 8.86 6.04 10.16
C PRO A 138 9.94 6.95 10.72
N GLY A 139 10.80 7.44 9.86
CA GLY A 139 11.90 8.31 10.27
C GLY A 139 13.25 7.62 10.21
N THR A 140 13.42 6.70 9.24
CA THR A 140 14.69 6.01 9.10
C THR A 140 15.52 6.73 8.02
N ARG A 141 16.79 6.94 8.30
CA ARG A 141 17.70 7.56 7.34
C ARG A 141 18.75 6.56 6.81
N ASP A 142 18.61 5.25 7.13
CA ASP A 142 19.54 4.20 6.72
C ASP A 142 18.90 3.29 5.67
N ALA A 143 19.37 3.40 4.45
CA ALA A 143 18.89 2.59 3.34
C ALA A 143 19.72 1.30 3.15
N PHE A 144 20.77 1.08 3.96
CA PHE A 144 21.58 -0.15 3.84
C PHE A 144 21.62 -0.87 5.20
N PRO A 145 20.51 -1.45 5.67
CA PRO A 145 20.54 -2.12 6.97
C PRO A 145 21.16 -3.52 6.91
N ASP A 146 21.22 -4.20 8.07
CA ASP A 146 21.78 -5.55 8.15
C ASP A 146 20.91 -6.56 7.35
N SER A 147 21.51 -7.67 6.97
CA SER A 147 20.83 -8.76 6.27
C SER A 147 21.40 -10.13 6.74
N ASN A 148 20.70 -11.23 6.40
CA ASN A 148 21.11 -12.58 6.77
C ASN A 148 22.46 -12.97 6.19
N SER A 149 22.82 -12.42 5.01
CA SER A 149 24.12 -12.65 4.36
C SER A 149 24.54 -11.41 3.53
N PRO A 150 25.87 -11.20 3.39
CA PRO A 150 26.36 -10.02 2.65
C PRO A 150 25.78 -9.82 1.26
N ILE A 151 25.47 -8.55 0.97
CA ILE A 151 24.93 -8.09 -0.29
C ILE A 151 26.00 -7.21 -0.99
N MET A 152 26.18 -7.39 -2.30
CA MET A 152 27.07 -6.59 -3.09
C MET A 152 26.25 -5.33 -3.51
N ASP A 153 26.54 -4.16 -2.93
CA ASP A 153 25.82 -2.92 -3.27
C ASP A 153 26.53 -2.12 -4.40
N THR A 154 25.82 -1.81 -5.50
CA THR A 154 26.44 -1.11 -6.61
C THR A 154 25.62 0.02 -7.15
N GLU A 155 26.19 1.23 -7.11
CA GLU A 155 25.52 2.39 -7.67
C GLU A 155 25.78 2.32 -9.14
N VAL A 156 24.74 2.29 -9.94
CA VAL A 156 24.85 2.20 -11.40
C VAL A 156 23.65 2.84 -12.11
N GLU A 157 23.84 3.30 -13.35
CA GLU A 157 22.75 3.86 -14.15
C GLU A 157 21.77 2.71 -14.54
N VAL A 158 20.50 2.89 -14.23
CA VAL A 158 19.46 1.89 -14.47
C VAL A 158 18.53 2.45 -15.56
N PRO A 159 18.27 1.68 -16.63
CA PRO A 159 17.36 2.16 -17.67
C PRO A 159 15.93 2.23 -17.15
N GLU A 160 15.23 3.29 -17.52
CA GLU A 160 13.83 3.51 -17.20
C GLU A 160 12.97 3.53 -18.50
N ARG A 161 13.54 3.12 -19.63
CA ARG A 161 12.90 3.04 -20.95
C ARG A 161 13.53 1.85 -21.65
N ALA A 162 13.04 1.46 -22.86
CA ALA A 162 13.65 0.38 -23.61
C ALA A 162 15.10 0.78 -24.05
N TRP A 163 15.99 -0.21 -24.27
CA TRP A 163 17.38 0.10 -24.59
C TRP A 163 18.00 -0.88 -25.57
N SER A 164 19.07 -0.44 -26.28
CA SER A 164 19.81 -1.27 -27.25
C SER A 164 21.28 -1.47 -26.82
N SER A 165 21.83 -0.49 -26.10
CA SER A 165 23.23 -0.54 -25.66
C SER A 165 23.41 0.14 -24.29
N GLY A 166 24.58 -0.06 -23.68
CA GLY A 166 24.97 0.59 -22.43
C GLY A 166 24.58 -0.06 -21.12
N PHE A 167 23.78 -1.14 -21.15
CA PHE A 167 23.35 -1.80 -19.92
C PHE A 167 23.49 -3.34 -20.07
N ASP A 168 24.65 -3.78 -20.59
CA ASP A 168 24.91 -5.22 -20.82
C ASP A 168 24.76 -6.07 -19.57
N TRP A 169 25.11 -5.51 -18.40
CA TRP A 169 25.00 -6.20 -17.11
C TRP A 169 23.58 -6.68 -16.80
N VAL A 170 22.56 -6.01 -17.37
CA VAL A 170 21.15 -6.36 -17.11
C VAL A 170 20.77 -7.72 -17.68
N THR A 171 21.02 -7.92 -18.99
CA THR A 171 20.67 -9.18 -19.63
C THR A 171 21.80 -10.22 -19.57
N ASP A 172 23.03 -9.84 -19.15
CA ASP A 172 24.12 -10.83 -19.00
C ASP A 172 24.01 -11.65 -17.70
N HIS A 173 22.90 -11.58 -16.99
CA HIS A 173 22.69 -12.29 -15.73
C HIS A 173 22.12 -13.68 -15.94
N SER A 174 22.55 -14.66 -15.15
CA SER A 174 22.03 -16.02 -15.28
C SER A 174 21.05 -16.43 -14.14
N GLY A 175 20.75 -15.53 -13.20
CA GLY A 175 19.86 -15.84 -12.10
C GLY A 175 18.49 -15.18 -12.20
N LYS A 176 17.89 -14.92 -11.05
CA LYS A 176 16.56 -14.30 -11.00
C LYS A 176 16.67 -12.86 -10.48
N THR A 177 15.95 -11.93 -11.11
CA THR A 177 16.05 -10.52 -10.74
C THR A 177 14.70 -9.90 -10.41
N VAL A 178 14.66 -9.11 -9.35
CA VAL A 178 13.47 -8.36 -8.98
C VAL A 178 13.79 -6.89 -9.29
N TRP A 179 12.99 -6.27 -10.14
CA TRP A 179 13.26 -4.92 -10.60
C TRP A 179 12.13 -4.00 -10.18
N PHE A 180 12.42 -3.01 -9.34
CA PHE A 180 11.41 -2.05 -8.90
C PHE A 180 11.40 -0.83 -9.83
N VAL A 181 10.23 -0.58 -10.42
CA VAL A 181 9.99 0.53 -11.34
C VAL A 181 9.03 1.56 -10.70
N PRO A 182 9.11 2.84 -11.10
CA PRO A 182 8.20 3.85 -10.49
C PRO A 182 6.71 3.75 -10.86
N SER A 183 6.37 3.13 -12.00
CA SER A 183 4.96 3.03 -12.41
C SER A 183 4.64 1.81 -13.31
N VAL A 184 3.34 1.50 -13.48
CA VAL A 184 2.89 0.42 -14.35
C VAL A 184 3.30 0.64 -15.81
N ARG A 185 3.05 1.83 -16.37
CA ARG A 185 3.43 2.16 -17.74
C ARG A 185 4.94 2.03 -17.96
N ASN A 186 5.75 2.43 -16.97
CA ASN A 186 7.21 2.29 -17.05
CA ASN A 186 7.21 2.30 -17.03
C ASN A 186 7.58 0.79 -17.05
N GLY A 187 6.91 0.01 -16.19
CA GLY A 187 7.15 -1.41 -16.10
C GLY A 187 6.86 -2.13 -17.40
N ASN A 188 5.74 -1.76 -18.08
CA ASN A 188 5.31 -2.33 -19.37
C ASN A 188 6.41 -2.17 -20.44
N GLU A 189 6.99 -0.95 -20.55
CA GLU A 189 8.07 -0.69 -21.49
C GLU A 189 9.33 -1.58 -21.23
N ILE A 190 9.80 -1.65 -19.98
CA ILE A 190 10.96 -2.47 -19.65
C ILE A 190 10.66 -3.97 -19.85
N ALA A 191 9.43 -4.40 -19.51
CA ALA A 191 9.08 -5.81 -19.65
C ALA A 191 9.06 -6.19 -21.12
N ALA A 192 8.49 -5.32 -21.97
CA ALA A 192 8.46 -5.56 -23.42
C ALA A 192 9.89 -5.69 -24.01
N CYS A 193 10.84 -4.86 -23.53
CA CYS A 193 12.24 -4.86 -23.95
C CYS A 193 12.90 -6.19 -23.52
N LEU A 194 12.69 -6.63 -22.27
CA LEU A 194 13.26 -7.88 -21.77
C LEU A 194 12.68 -9.08 -22.52
N THR A 195 11.37 -9.08 -22.74
CA THR A 195 10.69 -10.16 -23.47
C THR A 195 11.23 -10.29 -24.90
N LYS A 196 11.41 -9.17 -25.60
CA LYS A 196 11.95 -9.16 -26.96
C LYS A 196 13.31 -9.83 -27.03
N ALA A 197 14.13 -9.66 -25.96
CA ALA A 197 15.47 -10.24 -25.85
C ALA A 197 15.49 -11.71 -25.40
N GLY A 198 14.33 -12.34 -25.27
CA GLY A 198 14.17 -13.75 -24.91
C GLY A 198 14.01 -14.06 -23.44
N LYS A 199 13.71 -13.05 -22.59
CA LYS A 199 13.58 -13.28 -21.15
C LYS A 199 12.14 -13.48 -20.69
N ARG A 200 11.93 -14.33 -19.68
CA ARG A 200 10.63 -14.65 -19.10
C ARG A 200 10.32 -13.70 -17.98
N VAL A 201 9.36 -12.80 -18.21
CA VAL A 201 9.02 -11.73 -17.28
C VAL A 201 7.62 -11.82 -16.68
N ILE A 202 7.53 -11.57 -15.36
CA ILE A 202 6.28 -11.48 -14.64
C ILE A 202 6.16 -10.04 -14.18
N GLN A 203 5.01 -9.41 -14.39
CA GLN A 203 4.78 -8.05 -13.92
C GLN A 203 3.81 -8.04 -12.74
N LEU A 204 4.13 -7.25 -11.72
CA LEU A 204 3.33 -7.11 -10.50
C LEU A 204 2.96 -5.65 -10.27
N SER A 205 1.77 -5.42 -9.71
CA SER A 205 1.28 -4.09 -9.35
C SER A 205 0.14 -4.23 -8.34
N ARG A 206 -0.27 -3.14 -7.66
CA ARG A 206 -1.34 -3.20 -6.65
C ARG A 206 -2.59 -3.99 -7.06
N LYS A 207 -3.16 -3.69 -8.24
CA LYS A 207 -4.38 -4.35 -8.70
C LYS A 207 -4.22 -5.81 -9.08
N THR A 208 -3.08 -6.21 -9.66
CA THR A 208 -2.89 -7.62 -10.06
C THR A 208 -1.97 -8.40 -9.13
N PHE A 209 -1.71 -7.89 -7.93
CA PHE A 209 -0.73 -8.45 -6.98
C PHE A 209 -0.92 -9.95 -6.63
N GLU A 210 -2.07 -10.35 -6.04
CA GLU A 210 -2.26 -11.75 -5.64
C GLU A 210 -2.12 -12.78 -6.78
N THR A 211 -2.81 -12.52 -7.91
CA THR A 211 -2.83 -13.39 -9.09
C THR A 211 -1.47 -13.57 -9.74
N GLU A 212 -0.74 -12.46 -9.97
CA GLU A 212 0.56 -12.55 -10.61
C GLU A 212 1.65 -13.05 -9.67
N PHE A 213 1.53 -12.79 -8.35
CA PHE A 213 2.53 -13.24 -7.40
C PHE A 213 2.62 -14.76 -7.37
N GLN A 214 1.47 -15.45 -7.51
CA GLN A 214 1.45 -16.91 -7.54
C GLN A 214 2.31 -17.46 -8.69
N LYS A 215 2.38 -16.72 -9.83
CA LYS A 215 3.21 -17.11 -10.97
C LYS A 215 4.72 -17.17 -10.62
N THR A 216 5.15 -16.38 -9.62
CA THR A 216 6.53 -16.38 -9.17
C THR A 216 6.93 -17.69 -8.51
N LYS A 217 5.95 -18.47 -7.98
CA LYS A 217 6.22 -19.78 -7.37
C LYS A 217 5.88 -20.97 -8.31
N ASN A 218 4.95 -20.74 -9.23
CA ASN A 218 4.42 -21.77 -10.13
C ASN A 218 5.17 -21.98 -11.43
N GLN A 219 6.03 -21.05 -11.82
CA GLN A 219 6.78 -21.18 -13.07
C GLN A 219 8.16 -20.55 -13.01
N GLU A 220 9.06 -20.99 -13.91
CA GLU A 220 10.40 -20.44 -13.97
C GLU A 220 10.33 -19.04 -14.56
N TRP A 221 11.08 -18.11 -13.99
CA TRP A 221 11.12 -16.74 -14.48
C TRP A 221 12.53 -16.17 -14.40
N ASP A 222 12.83 -15.19 -15.26
CA ASP A 222 14.14 -14.52 -15.32
C ASP A 222 14.04 -13.18 -14.56
N PHE A 223 12.97 -12.42 -14.80
CA PHE A 223 12.72 -11.13 -14.18
C PHE A 223 11.30 -11.00 -13.64
N VAL A 224 11.19 -10.20 -12.58
CA VAL A 224 9.94 -9.76 -11.99
C VAL A 224 10.00 -8.23 -12.05
N ILE A 225 9.04 -7.60 -12.72
CA ILE A 225 8.98 -6.15 -12.82
C ILE A 225 7.85 -5.71 -11.91
N THR A 226 8.17 -4.95 -10.86
CA THR A 226 7.17 -4.55 -9.89
C THR A 226 7.19 -3.08 -9.49
N THR A 227 6.05 -2.59 -8.97
CA THR A 227 5.92 -1.27 -8.40
C THR A 227 6.30 -1.43 -6.89
N ASP A 228 6.20 -0.35 -6.11
CA ASP A 228 6.51 -0.35 -4.68
C ASP A 228 5.66 -1.33 -3.84
N ILE A 229 4.62 -1.98 -4.40
CA ILE A 229 3.81 -2.95 -3.62
C ILE A 229 4.66 -4.13 -3.10
N SER A 230 5.74 -4.50 -3.82
CA SER A 230 6.59 -5.61 -3.37
C SER A 230 7.52 -5.27 -2.20
N GLU A 231 7.44 -4.03 -1.65
CA GLU A 231 8.18 -3.61 -0.45
C GLU A 231 7.51 -4.14 0.84
N MET A 232 6.22 -4.57 0.76
CA MET A 232 5.40 -5.04 1.88
C MET A 232 5.40 -6.57 2.11
N GLY A 233 6.56 -7.13 2.41
CA GLY A 233 6.66 -8.55 2.73
C GLY A 233 6.76 -9.57 1.62
N ALA A 234 6.53 -9.19 0.36
CA ALA A 234 6.64 -10.15 -0.77
C ALA A 234 8.03 -10.84 -0.81
N ASN A 235 8.05 -12.17 -0.68
CA ASN A 235 9.31 -12.89 -0.69
C ASN A 235 9.55 -13.58 -2.03
N PHE A 236 10.77 -13.49 -2.55
CA PHE A 236 11.14 -14.07 -3.83
C PHE A 236 12.38 -14.95 -3.67
N LYS A 237 12.65 -15.86 -4.61
CA LYS A 237 13.86 -16.71 -4.55
C LYS A 237 14.86 -16.09 -5.51
N ALA A 238 15.11 -14.81 -5.36
CA ALA A 238 15.96 -14.04 -6.26
C ALA A 238 17.39 -13.90 -5.75
N ASP A 239 18.34 -13.53 -6.64
CA ASP A 239 19.74 -13.26 -6.31
C ASP A 239 20.18 -11.85 -6.68
N ARG A 240 19.27 -11.01 -7.26
CA ARG A 240 19.58 -9.63 -7.59
C ARG A 240 18.34 -8.76 -7.54
N VAL A 241 18.52 -7.52 -7.09
CA VAL A 241 17.51 -6.47 -7.14
C VAL A 241 18.07 -5.31 -7.98
N ILE A 242 17.33 -4.92 -8.99
CA ILE A 242 17.63 -3.75 -9.79
C ILE A 242 16.61 -2.72 -9.25
N ASP A 243 17.09 -1.56 -8.79
CA ASP A 243 16.23 -0.56 -8.17
C ASP A 243 16.44 0.79 -8.83
N SER A 244 15.39 1.31 -9.48
CA SER A 244 15.47 2.62 -10.09
C SER A 244 15.62 3.73 -9.04
N ARG A 245 15.26 3.43 -7.76
CA ARG A 245 15.23 4.37 -6.63
C ARG A 245 14.23 5.51 -6.90
N ARG A 246 13.22 5.26 -7.75
CA ARG A 246 12.23 6.24 -8.13
C ARG A 246 10.81 5.76 -7.86
N CYS A 247 9.90 6.71 -7.61
CA CYS A 247 8.50 6.45 -7.32
C CYS A 247 7.66 7.64 -7.82
N LEU A 248 6.35 7.46 -7.93
CA LEU A 248 5.44 8.56 -8.24
C LEU A 248 4.89 9.09 -6.94
N LYS A 249 4.60 10.40 -6.88
CA LYS A 249 4.12 11.00 -5.67
C LYS A 249 2.82 11.73 -5.94
N PRO A 250 1.69 11.27 -5.38
CA PRO A 250 0.42 11.99 -5.58
C PRO A 250 0.49 13.31 -4.80
N VAL A 251 0.19 14.43 -5.47
CA VAL A 251 0.25 15.74 -4.85
C VAL A 251 -1.05 16.53 -5.06
N ILE A 252 -1.54 17.16 -4.00
CA ILE A 252 -2.74 18.00 -4.07
C ILE A 252 -2.32 19.42 -4.39
N LEU A 253 -2.69 19.91 -5.59
CA LEU A 253 -2.38 21.27 -6.04
C LEU A 253 -3.54 22.21 -5.75
N ASP A 254 -3.27 23.33 -5.06
CA ASP A 254 -4.26 24.37 -4.73
C ASP A 254 -5.53 23.82 -4.00
N GLY A 255 -5.46 22.58 -3.49
CA GLY A 255 -6.59 21.91 -2.85
C GLY A 255 -7.74 21.63 -3.81
N GLU A 256 -7.47 21.65 -5.12
CA GLU A 256 -8.45 21.56 -6.22
C GLU A 256 -8.24 20.34 -7.13
N ARG A 257 -7.03 19.77 -7.14
CA ARG A 257 -6.73 18.63 -8.02
C ARG A 257 -5.58 17.80 -7.50
N VAL A 258 -5.45 16.56 -8.02
CA VAL A 258 -4.37 15.66 -7.62
C VAL A 258 -3.59 15.26 -8.87
N ILE A 259 -2.27 15.50 -8.85
CA ILE A 259 -1.42 15.07 -9.94
C ILE A 259 -0.44 13.96 -9.45
N LEU A 260 0.07 13.14 -10.36
CA LEU A 260 1.08 12.15 -10.03
C LEU A 260 2.43 12.78 -10.46
N ALA A 261 3.17 13.32 -9.46
CA ALA A 261 4.43 14.03 -9.63
C ALA A 261 5.60 13.06 -9.72
N GLY A 262 6.61 13.44 -10.49
CA GLY A 262 7.79 12.62 -10.63
C GLY A 262 7.90 11.92 -11.96
N PRO A 263 8.58 10.76 -12.05
CA PRO A 263 9.25 9.99 -10.98
C PRO A 263 10.22 10.82 -10.15
N MET A 264 10.31 10.50 -8.86
CA MET A 264 11.18 11.19 -7.90
C MET A 264 11.83 10.22 -6.91
N PRO A 265 12.94 10.60 -6.21
CA PRO A 265 13.59 9.65 -5.28
C PRO A 265 12.64 8.99 -4.27
N VAL A 266 12.89 7.72 -3.95
CA VAL A 266 12.13 7.03 -2.90
C VAL A 266 12.71 7.47 -1.52
N THR A 267 12.01 7.17 -0.41
CA THR A 267 12.55 7.46 0.92
C THR A 267 13.63 6.39 1.26
N HIS A 268 14.35 6.56 2.40
CA HIS A 268 15.33 5.56 2.83
C HIS A 268 14.59 4.25 3.19
N ALA A 269 13.40 4.35 3.82
CA ALA A 269 12.58 3.20 4.19
C ALA A 269 12.27 2.32 2.97
N SER A 270 11.82 2.90 1.84
CA SER A 270 11.55 2.13 0.61
C SER A 270 12.81 1.52 0.03
N ALA A 271 13.92 2.28 -0.07
CA ALA A 271 15.18 1.75 -0.59
C ALA A 271 15.64 0.58 0.23
N ALA A 272 15.54 0.67 1.57
CA ALA A 272 15.97 -0.45 2.43
C ALA A 272 15.06 -1.67 2.25
N GLN A 273 13.75 -1.45 2.03
CA GLN A 273 12.80 -2.54 1.81
C GLN A 273 12.95 -3.18 0.42
N ARG A 274 13.32 -2.40 -0.59
CA ARG A 274 13.52 -2.95 -1.93
C ARG A 274 14.79 -3.78 -1.92
N ARG A 275 15.86 -3.24 -1.30
CA ARG A 275 17.11 -3.97 -1.13
C ARG A 275 16.88 -5.25 -0.30
N GLY A 276 16.00 -5.15 0.70
CA GLY A 276 15.61 -6.20 1.62
C GLY A 276 15.05 -7.47 1.00
N ARG A 277 14.66 -7.43 -0.30
CA ARG A 277 14.16 -8.64 -0.96
C ARG A 277 15.26 -9.68 -1.15
N ILE A 278 16.55 -9.29 -1.10
CA ILE A 278 17.65 -10.24 -1.30
C ILE A 278 18.62 -10.24 -0.10
N GLY A 279 19.57 -11.18 -0.08
CA GLY A 279 20.48 -11.33 1.04
C GLY A 279 19.78 -11.96 2.24
N ARG A 280 18.61 -12.61 2.02
CA ARG A 280 17.77 -13.24 3.06
C ARG A 280 18.11 -14.69 3.37
N ASN A 281 19.03 -15.29 2.63
CA ASN A 281 19.43 -16.69 2.83
C ASN A 281 20.86 -16.64 3.37
N PRO A 282 21.06 -16.97 4.66
CA PRO A 282 22.42 -16.91 5.24
C PRO A 282 23.43 -17.83 4.56
N ASN A 283 22.94 -18.91 3.93
CA ASN A 283 23.82 -19.83 3.23
C ASN A 283 24.22 -19.35 1.83
N LYS A 284 23.59 -18.29 1.29
CA LYS A 284 23.94 -17.79 -0.04
C LYS A 284 24.35 -16.30 -0.05
N PRO A 285 25.62 -16.03 0.28
CA PRO A 285 26.11 -14.64 0.24
C PRO A 285 26.36 -14.15 -1.18
N GLY A 286 26.52 -12.84 -1.34
CA GLY A 286 26.83 -12.27 -2.64
C GLY A 286 25.64 -11.91 -3.50
N ASP A 287 24.40 -11.83 -2.94
CA ASP A 287 23.25 -11.35 -3.74
C ASP A 287 23.54 -9.87 -4.11
N GLU A 288 23.13 -9.45 -5.30
CA GLU A 288 23.43 -8.10 -5.76
C GLU A 288 22.30 -7.11 -5.64
N TYR A 289 22.64 -5.87 -5.40
CA TYR A 289 21.67 -4.77 -5.34
C TYR A 289 22.24 -3.63 -6.17
N MET A 290 21.65 -3.41 -7.35
CA MET A 290 22.05 -2.36 -8.25
C MET A 290 21.06 -1.20 -8.08
N TYR A 291 21.53 0.00 -7.69
CA TYR A 291 20.64 1.14 -7.48
C TYR A 291 21.02 2.29 -8.37
N GLY A 292 20.00 2.90 -8.97
CA GLY A 292 20.20 3.97 -9.92
C GLY A 292 19.80 5.37 -9.53
N GLY A 293 19.90 5.67 -8.25
CA GLY A 293 19.60 7.00 -7.75
C GLY A 293 19.74 7.10 -6.26
N GLY A 294 19.66 8.32 -5.74
CA GLY A 294 19.71 8.54 -4.30
C GLY A 294 18.33 8.57 -3.66
N CYS A 295 18.30 8.67 -2.32
CA CYS A 295 17.06 8.74 -1.56
C CYS A 295 16.77 10.18 -1.17
N ALA A 296 15.50 10.47 -0.93
CA ALA A 296 15.05 11.78 -0.47
C ALA A 296 13.77 11.60 0.37
N GLU A 297 13.44 12.62 1.21
CA GLU A 297 12.24 12.51 2.03
CA GLU A 297 12.25 12.60 2.06
C GLU A 297 10.99 12.99 1.26
N THR A 298 10.60 12.20 0.26
CA THR A 298 9.44 12.47 -0.60
C THR A 298 8.08 12.10 0.01
N ASP A 299 8.05 11.72 1.31
CA ASP A 299 6.78 11.48 1.98
C ASP A 299 6.21 12.79 2.57
N GLU A 300 7.02 13.88 2.64
CA GLU A 300 6.51 15.16 3.16
C GLU A 300 5.67 15.76 2.03
N GLY A 301 4.43 16.16 2.32
CA GLY A 301 3.55 16.74 1.31
C GLY A 301 2.90 15.75 0.36
N HIS A 302 3.06 14.46 0.64
CA HIS A 302 2.51 13.37 -0.15
C HIS A 302 1.04 13.24 0.24
N ALA A 303 0.14 13.15 -0.76
CA ALA A 303 -1.32 13.10 -0.56
C ALA A 303 -1.83 12.00 0.39
N HIS A 304 -1.11 10.87 0.51
CA HIS A 304 -1.54 9.80 1.40
C HIS A 304 -1.69 10.26 2.86
N TRP A 305 -0.83 11.21 3.34
CA TRP A 305 -0.93 11.64 4.74
C TRP A 305 -2.19 12.51 4.98
N LEU A 306 -2.58 13.29 3.95
CA LEU A 306 -3.79 14.12 3.99
C LEU A 306 -5.01 13.19 3.96
N GLU A 307 -4.98 12.15 3.08
CA GLU A 307 -6.04 11.15 2.96
C GLU A 307 -6.26 10.36 4.27
N ALA A 308 -5.16 10.04 4.97
CA ALA A 308 -5.23 9.36 6.25
C ALA A 308 -5.91 10.26 7.30
N ARG A 309 -5.69 11.57 7.22
CA ARG A 309 -6.37 12.53 8.09
C ARG A 309 -7.86 12.57 7.76
N MET A 310 -8.24 12.47 6.45
CA MET A 310 -9.63 12.43 6.03
C MET A 310 -10.32 11.16 6.62
N LEU A 311 -9.61 10.02 6.66
CA LEU A 311 -10.15 8.79 7.24
C LEU A 311 -10.29 8.88 8.78
N LEU A 312 -9.23 9.31 9.51
CA LEU A 312 -9.31 9.41 10.97
C LEU A 312 -10.34 10.44 11.43
N ASP A 313 -10.54 11.54 10.67
CA ASP A 313 -11.59 12.52 11.04
C ASP A 313 -13.00 11.90 10.97
N ASN A 314 -13.16 10.81 10.26
CA ASN A 314 -14.48 10.18 10.12
C ASN A 314 -14.58 8.81 10.84
N ILE A 315 -13.65 8.52 11.76
CA ILE A 315 -13.71 7.31 12.56
C ILE A 315 -14.08 7.71 14.00
N TYR A 316 -15.12 7.10 14.55
CA TYR A 316 -15.54 7.39 15.91
C TYR A 316 -14.47 6.84 16.90
N LEU A 317 -14.12 7.61 17.92
CA LEU A 317 -13.12 7.20 18.89
C LEU A 317 -13.70 7.27 20.32
N GLN A 318 -14.22 8.44 20.70
CA GLN A 318 -14.82 8.70 22.00
C GLN A 318 -15.46 10.10 21.88
N ASP A 319 -16.79 10.19 21.91
CA ASP A 319 -17.55 11.43 21.74
C ASP A 319 -17.08 12.24 20.49
N GLY A 320 -16.57 13.46 20.66
CA GLY A 320 -16.07 14.26 19.55
C GLY A 320 -14.56 14.25 19.42
N LEU A 321 -13.87 13.31 20.10
CA LEU A 321 -12.41 13.18 20.06
C LEU A 321 -12.00 12.47 18.78
N ILE A 322 -10.92 12.95 18.16
CA ILE A 322 -10.46 12.38 16.90
C ILE A 322 -9.05 11.88 17.06
N ALA A 323 -8.72 10.74 16.44
CA ALA A 323 -7.39 10.15 16.53
C ALA A 323 -6.34 10.99 15.82
N SER A 324 -5.16 11.09 16.40
CA SER A 324 -4.04 11.79 15.80
C SER A 324 -3.22 10.80 14.95
N LEU A 325 -2.37 11.31 14.03
CA LEU A 325 -1.46 10.42 13.31
C LEU A 325 -0.40 9.93 14.28
N TYR A 326 0.17 8.72 14.03
CA TYR A 326 1.28 8.16 14.81
C TYR A 326 2.43 9.19 14.80
N ARG A 327 2.85 9.65 16.02
CA ARG A 327 3.78 10.77 16.25
C ARG A 327 4.98 10.88 15.25
N PRO A 328 5.84 9.85 15.00
CA PRO A 328 6.95 10.05 14.05
C PRO A 328 6.56 10.36 12.61
N GLU A 329 5.28 10.19 12.23
CA GLU A 329 4.87 10.54 10.87
C GLU A 329 3.85 11.67 10.81
N ALA A 330 3.58 12.34 11.94
CA ALA A 330 2.57 13.38 12.04
C ALA A 330 2.88 14.68 11.30
N ASP A 331 4.15 15.07 11.13
CA ASP A 331 4.49 16.32 10.43
C ASP A 331 4.53 16.19 8.90
N LYS A 332 4.15 15.04 8.33
CA LYS A 332 4.17 14.88 6.87
C LYS A 332 3.02 15.60 6.14
N VAL A 333 2.15 16.28 6.88
CA VAL A 333 1.00 17.00 6.34
C VAL A 333 0.70 18.20 7.24
N ALA A 334 0.20 19.29 6.64
CA ALA A 334 -0.16 20.47 7.41
C ALA A 334 -1.66 20.33 7.50
N ALA A 335 -2.17 19.80 8.61
CA ALA A 335 -3.60 19.55 8.76
C ALA A 335 -4.06 19.65 10.19
N ILE A 336 -5.27 20.17 10.37
CA ILE A 336 -5.91 20.35 11.66
C ILE A 336 -6.82 19.15 11.90
N GLU A 337 -6.67 18.47 13.05
CA GLU A 337 -7.56 17.37 13.40
C GLU A 337 -9.02 17.84 13.49
N GLY A 338 -9.86 17.19 12.71
CA GLY A 338 -11.28 17.51 12.61
C GLY A 338 -11.71 18.26 11.38
N GLU A 339 -10.78 18.87 10.61
CA GLU A 339 -11.17 19.67 9.44
C GLU A 339 -11.93 18.88 8.36
N PHE A 340 -11.75 17.56 8.29
CA PHE A 340 -12.43 16.72 7.31
C PHE A 340 -13.60 15.92 7.89
N LYS A 341 -14.08 16.28 9.11
CA LYS A 341 -15.19 15.57 9.75
C LYS A 341 -16.50 15.83 9.03
N LEU A 342 -17.15 14.78 8.52
CA LEU A 342 -18.40 14.95 7.80
C LEU A 342 -19.63 14.62 8.64
N ARG A 343 -20.79 15.25 8.32
CA ARG A 343 -22.05 14.91 8.97
C ARG A 343 -22.45 13.48 8.56
N THR A 344 -23.29 12.83 9.35
CA THR A 344 -23.68 11.44 9.23
C THR A 344 -23.97 10.99 7.80
N GLU A 345 -24.88 11.65 7.09
CA GLU A 345 -25.22 11.23 5.73
C GLU A 345 -24.09 11.46 4.72
N GLN A 346 -23.35 12.56 4.81
CA GLN A 346 -22.21 12.78 3.90
C GLN A 346 -21.13 11.72 4.16
N ARG A 347 -20.89 11.40 5.43
CA ARG A 347 -19.91 10.38 5.82
C ARG A 347 -20.26 9.04 5.22
N LYS A 348 -21.56 8.68 5.21
CA LYS A 348 -22.00 7.42 4.64
C LYS A 348 -21.70 7.38 3.14
N THR A 349 -21.93 8.48 2.44
CA THR A 349 -21.59 8.62 1.03
C THR A 349 -20.06 8.47 0.83
N PHE A 350 -19.24 9.10 1.71
CA PHE A 350 -17.78 9.05 1.64
C PHE A 350 -17.31 7.59 1.71
N VAL A 351 -17.85 6.83 2.66
CA VAL A 351 -17.51 5.43 2.82
C VAL A 351 -17.89 4.61 1.60
N GLU A 352 -19.09 4.83 1.06
CA GLU A 352 -19.56 4.08 -0.09
C GLU A 352 -18.79 4.40 -1.39
N LEU A 353 -18.37 5.66 -1.59
CA LEU A 353 -17.56 6.02 -2.77
C LEU A 353 -16.21 5.29 -2.76
N MET A 354 -15.66 5.05 -1.58
CA MET A 354 -14.40 4.32 -1.42
C MET A 354 -14.61 2.80 -1.51
N LYS A 355 -15.55 2.25 -0.72
CA LYS A 355 -15.85 0.82 -0.64
C LYS A 355 -16.43 0.21 -1.96
N ARG A 356 -17.48 0.82 -2.51
CA ARG A 356 -18.12 0.30 -3.72
C ARG A 356 -17.64 1.05 -4.97
N GLY A 357 -17.52 2.37 -4.85
CA GLY A 357 -17.08 3.19 -5.98
C GLY A 357 -15.64 2.97 -6.39
N ASP A 358 -14.80 2.57 -5.41
CA ASP A 358 -13.39 2.28 -5.58
C ASP A 358 -12.55 3.51 -5.97
N LEU A 359 -13.01 4.69 -5.58
CA LEU A 359 -12.35 5.94 -5.89
C LEU A 359 -11.30 6.25 -4.86
N PRO A 360 -10.25 7.03 -5.23
CA PRO A 360 -9.28 7.45 -4.19
C PRO A 360 -9.95 8.22 -3.06
N VAL A 361 -9.39 8.13 -1.82
CA VAL A 361 -9.91 8.84 -0.64
C VAL A 361 -10.20 10.36 -0.90
N TRP A 362 -9.19 11.12 -1.43
CA TRP A 362 -9.33 12.56 -1.67
C TRP A 362 -10.50 12.85 -2.60
N LEU A 363 -10.63 12.10 -3.70
CA LEU A 363 -11.71 12.29 -4.65
C LEU A 363 -13.10 11.95 -4.02
N ALA A 364 -13.17 10.86 -3.25
CA ALA A 364 -14.42 10.46 -2.55
C ALA A 364 -14.84 11.57 -1.57
N TYR A 365 -13.86 12.21 -0.89
CA TYR A 365 -14.14 13.28 0.02
C TYR A 365 -14.71 14.53 -0.71
N GLN A 366 -14.13 14.90 -1.87
CA GLN A 366 -14.62 16.06 -2.64
C GLN A 366 -16.07 15.90 -3.02
N VAL A 367 -16.43 14.72 -3.52
CA VAL A 367 -17.80 14.41 -3.90
C VAL A 367 -18.73 14.42 -2.66
N ALA A 368 -18.41 13.64 -1.61
CA ALA A 368 -19.26 13.58 -0.40
C ALA A 368 -19.46 14.94 0.27
N SER A 369 -18.36 15.74 0.45
CA SER A 369 -18.48 17.06 1.08
C SER A 369 -19.27 18.04 0.26
N ALA A 370 -19.41 17.82 -1.05
CA ALA A 370 -20.25 18.69 -1.89
C ALA A 370 -21.77 18.38 -1.74
N GLY A 371 -22.13 17.37 -0.93
CA GLY A 371 -23.50 16.98 -0.69
C GLY A 371 -24.11 16.18 -1.83
N ILE A 372 -23.30 15.44 -2.55
CA ILE A 372 -23.74 14.64 -3.69
C ILE A 372 -23.95 13.20 -3.20
N THR A 373 -25.01 12.54 -3.66
CA THR A 373 -25.28 11.16 -3.28
C THR A 373 -24.46 10.18 -4.14
N TYR A 374 -24.21 8.99 -3.61
CA TYR A 374 -23.35 7.99 -4.24
C TYR A 374 -23.71 7.70 -5.71
N THR A 375 -24.98 7.49 -6.03
CA THR A 375 -25.39 7.14 -7.40
C THR A 375 -25.45 8.32 -8.36
N ASP A 376 -25.30 9.56 -7.88
CA ASP A 376 -25.37 10.74 -8.74
C ASP A 376 -24.02 10.98 -9.40
N ARG A 377 -23.93 10.71 -10.73
CA ARG A 377 -22.68 10.78 -11.50
C ARG A 377 -22.53 11.99 -12.40
N ARG A 378 -23.41 13.02 -12.26
CA ARG A 378 -23.38 14.25 -13.05
C ARG A 378 -22.04 15.04 -12.88
N TRP A 379 -21.41 14.94 -11.70
CA TRP A 379 -20.10 15.58 -11.48
C TRP A 379 -18.98 14.95 -12.40
N CYS A 380 -19.16 13.70 -12.95
CA CYS A 380 -18.12 13.12 -13.85
C CYS A 380 -18.07 13.79 -15.23
N PHE A 381 -19.02 14.69 -15.53
CA PHE A 381 -19.11 15.28 -16.88
C PHE A 381 -19.23 16.79 -16.87
N ASP A 382 -19.32 17.45 -15.70
CA ASP A 382 -19.56 18.89 -15.67
C ASP A 382 -18.36 19.73 -15.21
N GLY A 383 -17.17 19.16 -15.25
CA GLY A 383 -15.96 19.90 -14.90
C GLY A 383 -15.49 20.83 -16.00
N THR A 384 -14.52 21.70 -15.70
CA THR A 384 -13.99 22.63 -16.71
C THR A 384 -13.28 21.84 -17.83
N THR A 385 -13.14 22.41 -19.04
CA THR A 385 -12.57 21.69 -20.17
C THR A 385 -11.12 21.23 -19.91
N ASN A 386 -10.38 21.89 -18.98
CA ASN A 386 -9.02 21.46 -18.66
C ASN A 386 -8.99 20.15 -17.85
N ASN A 387 -10.15 19.74 -17.28
CA ASN A 387 -10.30 18.48 -16.57
C ASN A 387 -10.70 17.33 -17.49
N THR A 388 -10.63 17.50 -18.82
CA THR A 388 -10.98 16.47 -19.80
C THR A 388 -10.01 15.28 -19.69
N ILE A 389 -10.54 14.09 -19.37
CA ILE A 389 -9.69 12.90 -19.30
C ILE A 389 -9.40 12.42 -20.74
N MET A 390 -8.11 12.14 -21.05
CA MET A 390 -7.71 11.73 -22.39
C MET A 390 -7.37 10.26 -22.49
N GLU A 391 -7.83 9.63 -23.55
CA GLU A 391 -7.56 8.23 -23.83
CA GLU A 391 -7.55 8.23 -23.83
C GLU A 391 -6.90 8.19 -25.21
N ASP A 392 -5.71 7.59 -25.31
CA ASP A 392 -4.95 7.50 -26.57
C ASP A 392 -4.86 8.83 -27.33
N SER A 393 -4.51 9.92 -26.60
CA SER A 393 -4.35 11.31 -27.05
C SER A 393 -5.62 11.97 -27.62
N VAL A 394 -6.79 11.39 -27.39
CA VAL A 394 -8.10 11.94 -27.80
C VAL A 394 -9.04 11.93 -26.56
N PRO A 395 -9.95 12.91 -26.34
CA PRO A 395 -10.84 12.85 -25.16
C PRO A 395 -11.59 11.53 -24.94
N ALA A 396 -11.55 11.00 -23.69
CA ALA A 396 -12.24 9.77 -23.33
C ALA A 396 -13.75 10.00 -23.34
N GLU A 397 -14.51 9.01 -23.81
CA GLU A 397 -15.97 9.14 -23.86
C GLU A 397 -16.65 7.96 -23.17
N VAL A 398 -17.80 8.22 -22.54
CA VAL A 398 -18.59 7.17 -21.91
C VAL A 398 -20.09 7.35 -22.21
N TRP A 399 -20.85 6.25 -22.19
CA TRP A 399 -22.28 6.35 -22.32
C TRP A 399 -22.76 6.54 -20.90
N THR A 400 -23.46 7.65 -20.65
CA THR A 400 -24.06 7.91 -19.35
C THR A 400 -25.16 6.89 -19.08
N LYS A 401 -25.59 6.79 -17.81
CA LYS A 401 -26.70 5.93 -17.46
C LYS A 401 -28.00 6.36 -18.18
N TYR A 402 -28.03 7.56 -18.82
CA TYR A 402 -29.19 8.02 -19.59
C TYR A 402 -29.15 7.61 -21.10
N GLY A 403 -28.07 6.99 -21.55
CA GLY A 403 -27.94 6.62 -22.96
C GLY A 403 -27.45 7.80 -23.79
N GLU A 404 -26.65 8.69 -23.19
CA GLU A 404 -26.10 9.83 -23.91
C GLU A 404 -24.56 9.68 -23.91
N LYS A 405 -23.92 9.82 -25.08
CA LYS A 405 -22.46 9.70 -25.16
C LYS A 405 -21.84 11.04 -24.74
N ARG A 406 -21.04 11.05 -23.67
CA ARG A 406 -20.45 12.28 -23.16
C ARG A 406 -18.99 12.15 -22.90
N VAL A 407 -18.27 13.27 -23.07
CA VAL A 407 -16.84 13.35 -22.77
C VAL A 407 -16.63 13.34 -21.25
N LEU A 408 -15.75 12.46 -20.77
CA LEU A 408 -15.38 12.33 -19.36
C LEU A 408 -14.61 13.60 -18.92
N LYS A 409 -15.24 14.44 -18.08
CA LYS A 409 -14.68 15.72 -17.68
C LYS A 409 -15.05 15.98 -16.21
N PRO A 410 -14.37 15.32 -15.27
CA PRO A 410 -14.78 15.43 -13.85
C PRO A 410 -14.63 16.79 -13.20
N ARG A 411 -15.57 17.17 -12.34
CA ARG A 411 -15.54 18.44 -11.62
C ARG A 411 -14.24 18.54 -10.76
N TRP A 412 -13.77 17.40 -10.22
CA TRP A 412 -12.51 17.29 -9.48
C TRP A 412 -11.69 16.25 -10.20
N MET A 413 -10.49 16.65 -10.58
CA MET A 413 -9.59 15.81 -11.34
C MET A 413 -8.52 15.11 -10.45
N ASP A 414 -8.54 13.78 -10.43
CA ASP A 414 -7.56 13.02 -9.64
C ASP A 414 -6.86 12.09 -10.61
N ALA A 415 -5.59 12.37 -10.92
CA ALA A 415 -4.79 11.59 -11.88
C ALA A 415 -4.78 10.09 -11.65
N ARG A 416 -5.05 9.64 -10.44
CA ARG A 416 -5.04 8.21 -10.13
C ARG A 416 -6.14 7.44 -10.80
N VAL A 417 -7.23 8.10 -11.22
CA VAL A 417 -8.33 7.43 -11.92
C VAL A 417 -8.00 7.14 -13.39
N CYS A 418 -6.91 7.67 -13.91
CA CYS A 418 -6.52 7.45 -15.30
C CYS A 418 -5.00 7.27 -15.42
N SER A 419 -4.32 6.79 -14.36
CA SER A 419 -2.88 6.59 -14.39
C SER A 419 -2.46 5.42 -15.28
N ASP A 420 -3.34 4.42 -15.46
CA ASP A 420 -3.06 3.29 -16.34
C ASP A 420 -4.36 2.84 -17.09
N HIS A 421 -4.27 1.85 -17.99
CA HIS A 421 -5.44 1.38 -18.73
C HIS A 421 -6.54 0.87 -17.78
N ALA A 422 -6.20 -0.03 -16.85
CA ALA A 422 -7.15 -0.60 -15.89
C ALA A 422 -7.82 0.50 -15.02
N ALA A 423 -7.06 1.51 -14.54
CA ALA A 423 -7.66 2.58 -13.73
C ALA A 423 -8.69 3.33 -14.58
N LEU A 424 -8.34 3.69 -15.84
CA LEU A 424 -9.27 4.42 -16.69
C LEU A 424 -10.54 3.63 -17.01
N LYS A 425 -10.42 2.34 -17.31
CA LYS A 425 -11.58 1.48 -17.60
C LYS A 425 -12.53 1.42 -16.38
N SER A 426 -11.96 1.28 -15.18
CA SER A 426 -12.73 1.26 -13.95
C SER A 426 -13.45 2.62 -13.72
N PHE A 427 -12.79 3.75 -13.99
CA PHE A 427 -13.40 5.07 -13.81
C PHE A 427 -14.50 5.31 -14.85
N LYS A 428 -14.33 4.80 -16.08
CA LYS A 428 -15.35 4.92 -17.12
C LYS A 428 -16.62 4.17 -16.69
N GLU A 429 -16.44 2.97 -16.10
CA GLU A 429 -17.52 2.14 -15.54
C GLU A 429 -18.25 2.90 -14.42
N PHE A 430 -17.50 3.56 -13.51
CA PHE A 430 -18.11 4.38 -12.45
C PHE A 430 -18.89 5.56 -13.07
N ALA A 431 -18.28 6.33 -13.99
CA ALA A 431 -18.97 7.46 -14.63
C ALA A 431 -20.25 7.01 -15.37
N ALA A 432 -20.27 5.76 -15.87
CA ALA A 432 -21.42 5.18 -16.56
C ALA A 432 -22.54 4.72 -15.61
N GLY A 433 -22.29 4.71 -14.31
CA GLY A 433 -23.25 4.23 -13.33
C GLY A 433 -23.32 2.71 -13.31
N LYS A 434 -22.24 2.04 -13.69
CA LYS A 434 -22.20 0.58 -13.71
C LYS A 434 -21.86 -0.07 -12.36
N ARG A 435 -21.51 0.74 -11.35
CA ARG A 435 -21.31 0.22 -10.00
C ARG A 435 -21.62 1.29 -8.94
#